data_9C76
#
_entry.id   9C76
#
_cell.length_a   40.411
_cell.length_b   98.379
_cell.length_c   105.203
_cell.angle_alpha   90.000
_cell.angle_beta   90.000
_cell.angle_gamma   90.000
#
_symmetry.space_group_name_H-M   'P 21 21 21'
#
loop_
_entity.id
_entity.type
_entity.pdbx_description
1 polymer 'Leucine-rich repeat serine/threonine-protein kinase 2'
2 non-polymer "GUANOSINE-5'-DIPHOSPHATE"
3 non-polymer 'BROMIDE ION'
4 non-polymer 'MAGNESIUM ION'
5 non-polymer 'FLUORIDE ION'
6 non-polymer 1-{(3S)-4-[(7M)-7-[6-amino-4-methyl-3-(trifluoromethyl)pyridin-2-yl]-6-chloro-8-fluoro-2-{[(2S)-1-methylpyrrolidin-2-yl]methoxy}quinazolin-4-yl]-3-methylpiperazin-1-yl}propan-1-one
7 non-polymer 'IODIDE ION'
8 water water
#
_entity_poly.entity_id   1
_entity_poly.type   'polypeptide(L)'
_entity_poly.pdbx_seq_one_letter_code
;SAVPYNRMKLMIVGACGSGKTTLLQQLMKTKKSDLGMQSATVGIDVKDWPIQIRDKRKRDLVLNVWDFAGREEFYSTHPH
FMTQRALYLAVYDLSKGQAEVDAMKHYLFQIKARASSSPVILVGTHLDVSDEAQRAAAMSKITKELLNKRGFPAIRDYHF
VNATEESDALAKLRKTIINESLNFKIRDQ
;
_entity_poly.pdbx_strand_id   A,B
#
# COMPACT_ATOMS: atom_id res chain seq x y z
N VAL A 3 19.47 1.68 17.30
CA VAL A 3 19.40 3.10 17.64
C VAL A 3 17.99 3.62 17.36
N PRO A 4 17.42 4.35 18.32
CA PRO A 4 16.09 4.95 18.08
C PRO A 4 16.12 5.95 16.93
N TYR A 5 15.03 5.97 16.18
CA TYR A 5 14.89 6.84 15.01
C TYR A 5 13.41 7.04 14.76
N ASN A 6 13.09 8.12 14.08
CA ASN A 6 11.71 8.53 13.87
C ASN A 6 11.25 8.14 12.47
N ARG A 7 9.99 7.76 12.35
CA ARG A 7 9.41 7.22 11.13
C ARG A 7 8.21 8.07 10.76
N MET A 8 7.94 8.17 9.46
CA MET A 8 6.69 8.79 9.03
C MET A 8 6.44 8.48 7.55
N LYS A 9 5.18 8.64 7.16
CA LYS A 9 4.71 8.30 5.82
C LYS A 9 4.37 9.60 5.10
N LEU A 10 4.78 9.70 3.85
CA LEU A 10 4.52 10.86 3.01
C LEU A 10 3.72 10.42 1.78
N MET A 11 2.55 11.02 1.61
CA MET A 11 1.64 10.75 0.50
C MET A 11 1.68 11.94 -0.45
N ILE A 12 2.12 11.71 -1.69
CA ILE A 12 2.20 12.74 -2.71
C ILE A 12 1.00 12.59 -3.64
N VAL A 13 0.09 13.56 -3.60
CA VAL A 13 -1.14 13.51 -4.38
C VAL A 13 -1.19 14.72 -5.30
N GLY A 14 -2.07 14.68 -6.29
CA GLY A 14 -2.27 15.79 -7.20
C GLY A 14 -2.61 15.26 -8.58
N ALA A 15 -3.10 16.20 -9.41
CA ALA A 15 -3.53 15.81 -10.75
C ALA A 15 -2.36 15.22 -11.54
N CYS A 16 -2.68 14.42 -12.55
CA CYS A 16 -1.65 13.84 -13.39
C CYS A 16 -0.90 14.95 -14.12
N GLY A 17 0.42 14.82 -14.19
CA GLY A 17 1.24 15.83 -14.81
C GLY A 17 1.59 17.02 -13.94
N SER A 18 1.23 17.00 -12.66
CA SER A 18 1.53 18.11 -11.77
C SER A 18 3.00 18.19 -11.41
N GLY A 19 3.81 17.22 -11.80
CA GLY A 19 5.21 17.20 -11.42
C GLY A 19 5.48 16.52 -10.11
N LYS A 20 4.74 15.48 -9.76
CA LYS A 20 4.92 14.81 -8.47
C LYS A 20 6.17 13.94 -8.47
N THR A 21 6.34 13.10 -9.50
CA THR A 21 7.49 12.20 -9.51
C THR A 21 8.79 12.97 -9.66
N THR A 22 8.78 14.05 -10.44
CA THR A 22 9.96 14.89 -10.60
C THR A 22 10.33 15.58 -9.30
N LEU A 23 9.34 16.18 -8.63
CA LEU A 23 9.59 16.82 -7.35
C LEU A 23 10.16 15.84 -6.35
N LEU A 24 9.60 14.63 -6.27
CA LEU A 24 10.11 13.66 -5.31
C LEU A 24 11.53 13.22 -5.67
N GLN A 25 11.81 13.05 -6.97
CA GLN A 25 13.16 12.70 -7.39
C GLN A 25 14.17 13.77 -6.97
N GLN A 26 13.82 15.05 -7.15
CA GLN A 26 14.77 16.11 -6.81
C GLN A 26 14.91 16.27 -5.31
N LEU A 27 13.81 16.12 -4.57
CA LEU A 27 13.86 16.28 -3.11
C LEU A 27 14.80 15.28 -2.48
N MET A 28 14.89 14.08 -3.04
CA MET A 28 15.71 12.99 -2.50
C MET A 28 17.14 13.04 -2.98
N LYS A 29 17.58 14.17 -3.54
CA LYS A 29 18.98 14.36 -3.89
C LYS A 29 19.40 13.35 -4.94
N ALA A 40 16.65 0.54 -1.33
CA ALA A 40 15.62 -0.36 -0.82
C ALA A 40 14.23 0.15 -1.20
N THR A 41 14.01 0.36 -2.49
CA THR A 41 12.69 0.74 -2.96
C THR A 41 11.73 -0.45 -2.85
N VAL A 42 10.45 -0.14 -2.81
CA VAL A 42 9.38 -1.13 -2.72
C VAL A 42 8.50 -0.94 -3.94
N GLY A 43 8.08 -2.06 -4.52
CA GLY A 43 7.20 -2.01 -5.66
C GLY A 43 5.94 -2.79 -5.36
N ILE A 44 4.81 -2.18 -5.66
CA ILE A 44 3.50 -2.75 -5.39
C ILE A 44 2.78 -2.86 -6.73
N ASP A 45 2.40 -4.08 -7.09
CA ASP A 45 1.61 -4.33 -8.28
C ASP A 45 0.17 -4.48 -7.81
N VAL A 46 -0.68 -3.54 -8.22
CA VAL A 46 -2.10 -3.56 -7.92
C VAL A 46 -2.86 -3.87 -9.20
N LYS A 47 -3.67 -4.91 -9.17
CA LYS A 47 -4.43 -5.33 -10.35
C LYS A 47 -5.83 -5.77 -9.96
N ASP A 48 -6.78 -5.51 -10.86
CA ASP A 48 -8.15 -5.96 -10.68
C ASP A 48 -8.30 -7.39 -11.20
N TRP A 49 -8.94 -8.23 -10.41
CA TRP A 49 -9.19 -9.64 -10.73
C TRP A 49 -10.69 -9.82 -10.75
N PRO A 50 -11.32 -9.81 -11.94
CA PRO A 50 -12.77 -10.08 -11.99
C PRO A 50 -13.00 -11.58 -11.79
N ILE A 51 -12.91 -12.03 -10.53
CA ILE A 51 -12.94 -13.45 -10.24
C ILE A 51 -14.34 -14.03 -10.37
N GLN A 52 -15.39 -13.20 -10.28
CA GLN A 52 -16.77 -13.66 -10.46
C GLN A 52 -17.56 -12.53 -11.09
N ILE A 53 -17.88 -12.65 -12.37
CA ILE A 53 -18.62 -11.62 -13.07
C ILE A 53 -19.53 -12.27 -14.12
N ARG A 54 -20.54 -11.52 -14.54
CA ARG A 54 -21.38 -11.81 -15.69
C ARG A 54 -22.21 -13.07 -15.55
N ASP A 55 -22.37 -13.59 -14.34
CA ASP A 55 -23.33 -14.66 -14.09
C ASP A 55 -24.52 -14.01 -13.40
N LYS A 56 -25.67 -14.00 -14.08
CA LYS A 56 -26.83 -13.26 -13.57
C LYS A 56 -27.33 -13.83 -12.26
N ARG A 57 -27.04 -15.10 -11.99
CA ARG A 57 -27.50 -15.70 -10.75
C ARG A 57 -26.57 -15.37 -9.58
N LYS A 58 -25.30 -15.11 -9.84
CA LYS A 58 -24.30 -15.00 -8.79
C LYS A 58 -23.91 -13.55 -8.56
N ARG A 59 -23.69 -13.20 -7.29
CA ARG A 59 -23.19 -11.86 -7.00
C ARG A 59 -21.82 -11.69 -7.63
N ASP A 60 -21.59 -10.52 -8.22
CA ASP A 60 -20.28 -10.27 -8.81
C ASP A 60 -19.23 -10.05 -7.74
N LEU A 61 -17.99 -10.41 -8.07
CA LEU A 61 -16.87 -10.09 -7.20
C LEU A 61 -15.68 -9.70 -8.06
N VAL A 62 -15.13 -8.52 -7.79
CA VAL A 62 -13.93 -8.05 -8.46
C VAL A 62 -12.95 -7.69 -7.35
N LEU A 63 -11.82 -8.38 -7.31
CA LEU A 63 -10.86 -8.21 -6.22
C LEU A 63 -9.77 -7.24 -6.66
N ASN A 64 -9.40 -6.32 -5.76
CA ASN A 64 -8.24 -5.49 -5.96
C ASN A 64 -7.06 -6.18 -5.28
N VAL A 65 -6.11 -6.65 -6.06
CA VAL A 65 -5.07 -7.57 -5.59
C VAL A 65 -3.76 -6.82 -5.52
N TRP A 66 -3.09 -6.91 -4.36
CA TRP A 66 -1.82 -6.26 -4.08
C TRP A 66 -0.72 -7.30 -3.95
N ASP A 67 0.32 -7.16 -4.76
CA ASP A 67 1.51 -8.01 -4.71
C ASP A 67 2.73 -7.13 -4.43
N PHE A 68 3.54 -7.51 -3.45
CA PHE A 68 4.61 -6.65 -2.94
C PHE A 68 6.00 -7.14 -3.34
N ALA A 69 6.89 -6.20 -3.64
CA ALA A 69 8.26 -6.48 -4.00
C ALA A 69 9.21 -5.62 -3.14
N GLY A 70 10.50 -5.76 -3.40
CA GLY A 70 11.53 -4.98 -2.75
C GLY A 70 12.33 -5.78 -1.74
N ARG A 71 13.26 -5.08 -1.09
CA ARG A 71 14.14 -5.70 -0.11
C ARG A 71 13.44 -5.73 1.23
N GLU A 72 13.68 -6.81 1.99
CA GLU A 72 13.02 -6.95 3.29
C GLU A 72 13.43 -5.83 4.24
N GLU A 73 14.61 -5.25 4.04
CA GLU A 73 15.09 -4.20 4.94
C GLU A 73 14.06 -3.08 5.07
N PHE A 74 13.47 -2.66 3.95
CA PHE A 74 12.46 -1.60 3.99
C PHE A 74 11.41 -1.89 5.06
N TYR A 75 10.91 -3.12 5.08
CA TYR A 75 9.80 -3.47 5.97
C TYR A 75 10.24 -3.45 7.42
N SER A 76 11.52 -3.68 7.70
CA SER A 76 12.03 -3.49 9.05
C SER A 76 12.14 -2.00 9.40
N THR A 77 12.47 -1.17 8.40
CA THR A 77 12.61 0.26 8.66
C THR A 77 11.28 1.00 8.68
N HIS A 78 10.26 0.44 8.03
CA HIS A 78 8.92 1.03 8.01
C HIS A 78 7.89 -0.06 8.24
N PRO A 79 7.75 -0.54 9.48
CA PRO A 79 6.81 -1.64 9.73
C PRO A 79 5.37 -1.29 9.44
N HIS A 80 4.99 -0.01 9.54
CA HIS A 80 3.61 0.42 9.41
C HIS A 80 3.39 1.30 8.18
N PHE A 81 4.09 0.97 7.10
CA PHE A 81 4.01 1.75 5.87
C PHE A 81 2.64 1.73 5.23
N MET A 82 1.71 0.92 5.73
CA MET A 82 0.36 0.88 5.20
C MET A 82 -0.62 1.72 6.01
N THR A 83 -0.14 2.41 7.05
CA THR A 83 -1.03 3.22 7.89
C THR A 83 -1.71 4.32 7.08
N GLN A 84 -2.85 4.77 7.58
CA GLN A 84 -3.57 5.89 7.00
C GLN A 84 -3.15 7.24 7.57
N ARG A 85 -2.50 7.25 8.74
CA ARG A 85 -2.06 8.50 9.36
C ARG A 85 -0.75 8.93 8.70
N ALA A 86 -0.82 9.95 7.86
CA ALA A 86 0.36 10.35 7.09
C ALA A 86 0.33 11.84 6.81
N LEU A 87 1.50 12.35 6.42
CA LEU A 87 1.63 13.70 5.88
C LEU A 87 1.40 13.68 4.38
N TYR A 88 0.64 14.66 3.88
CA TYR A 88 0.30 14.72 2.46
C TYR A 88 1.01 15.88 1.79
N LEU A 89 1.59 15.60 0.62
CA LEU A 89 2.11 16.63 -0.28
C LEU A 89 1.12 16.77 -1.45
N ALA A 90 0.37 17.86 -1.45
CA ALA A 90 -0.59 18.15 -2.52
C ALA A 90 0.07 19.02 -3.57
N VAL A 91 0.36 18.44 -4.74
CA VAL A 91 1.16 19.09 -5.77
C VAL A 91 0.25 19.51 -6.92
N TYR A 92 0.47 20.71 -7.44
CA TYR A 92 -0.32 21.23 -8.56
C TYR A 92 0.57 22.05 -9.47
N ASP A 93 0.16 22.13 -10.73
CA ASP A 93 0.88 22.89 -11.75
C ASP A 93 0.42 24.34 -11.70
N LEU A 94 1.33 25.25 -11.31
CA LEU A 94 0.98 26.66 -11.24
C LEU A 94 0.65 27.24 -12.61
N SER A 95 1.27 26.73 -13.67
CA SER A 95 1.07 27.29 -15.01
C SER A 95 -0.32 27.05 -15.56
N LYS A 96 -1.13 26.21 -14.91
CA LYS A 96 -2.48 25.94 -15.38
C LYS A 96 -3.52 26.88 -14.78
N GLY A 97 -3.13 27.77 -13.89
CA GLY A 97 -4.04 28.79 -13.38
C GLY A 97 -4.97 28.27 -12.30
N GLU A 100 -6.40 23.85 -12.86
CA GLU A 100 -5.58 23.05 -11.98
C GLU A 100 -5.68 23.53 -10.54
N VAL A 101 -5.80 24.84 -10.36
CA VAL A 101 -5.94 25.38 -9.01
C VAL A 101 -7.24 24.94 -8.38
N ASP A 102 -8.33 24.95 -9.15
CA ASP A 102 -9.62 24.48 -8.62
C ASP A 102 -9.66 22.97 -8.48
N ALA A 103 -8.98 22.24 -9.37
CA ALA A 103 -8.99 20.78 -9.28
C ALA A 103 -8.40 20.31 -7.96
N MET A 104 -7.32 20.96 -7.50
CA MET A 104 -6.67 20.51 -6.28
C MET A 104 -7.65 20.42 -5.12
N LYS A 105 -8.69 21.26 -5.12
CA LYS A 105 -9.61 21.27 -3.99
C LYS A 105 -10.22 19.90 -3.76
N HIS A 106 -10.54 19.19 -4.85
CA HIS A 106 -11.16 17.88 -4.69
C HIS A 106 -10.24 16.97 -3.86
N TYR A 107 -8.95 16.95 -4.19
CA TYR A 107 -8.03 16.14 -3.40
C TYR A 107 -8.11 16.53 -1.93
N LEU A 108 -8.10 17.83 -1.64
CA LEU A 108 -8.17 18.25 -0.24
C LEU A 108 -9.43 17.68 0.41
N PHE A 109 -10.56 17.75 -0.30
CA PHE A 109 -11.78 17.20 0.27
C PHE A 109 -11.59 15.72 0.59
N GLN A 110 -11.05 14.96 -0.36
CA GLN A 110 -10.76 13.56 -0.09
C GLN A 110 -9.92 13.45 1.17
N ILE A 111 -8.80 14.18 1.21
CA ILE A 111 -7.89 14.02 2.32
C ILE A 111 -8.56 14.50 3.60
N LYS A 112 -9.38 15.56 3.50
CA LYS A 112 -10.06 16.08 4.68
C LYS A 112 -11.05 15.07 5.23
N ALA A 113 -11.68 14.29 4.35
CA ALA A 113 -12.71 13.34 4.78
C ALA A 113 -12.09 12.03 5.24
N ARG A 114 -11.06 11.57 4.50
CA ARG A 114 -10.44 10.28 4.72
C ARG A 114 -9.41 10.30 5.84
N ALA A 115 -8.88 11.47 6.17
CA ALA A 115 -7.89 11.55 7.23
C ALA A 115 -7.94 12.99 7.78
N SER A 116 -8.98 13.25 8.59
CA SER A 116 -9.19 14.61 9.08
C SER A 116 -8.04 15.07 9.97
N SER A 117 -7.22 14.15 10.45
CA SER A 117 -6.10 14.48 11.33
C SER A 117 -4.77 14.63 10.58
N SER A 118 -4.73 14.32 9.29
CA SER A 118 -3.47 14.33 8.56
C SER A 118 -3.14 15.75 8.11
N PRO A 119 -1.87 16.16 8.17
CA PRO A 119 -1.49 17.49 7.69
C PRO A 119 -1.19 17.50 6.19
N VAL A 120 -1.23 18.70 5.63
CA VAL A 120 -1.09 18.91 4.19
C VAL A 120 -0.09 20.01 3.93
N ILE A 121 0.75 19.81 2.92
CA ILE A 121 1.65 20.83 2.38
C ILE A 121 1.32 20.99 0.90
N LEU A 122 0.87 22.18 0.51
CA LEU A 122 0.61 22.48 -0.89
C LEU A 122 1.89 22.92 -1.58
N VAL A 123 2.12 22.39 -2.77
CA VAL A 123 3.32 22.69 -3.55
C VAL A 123 2.91 23.00 -4.99
N GLY A 124 3.13 24.24 -5.41
CA GLY A 124 2.97 24.61 -6.80
C GLY A 124 4.26 24.47 -7.58
N THR A 125 4.28 23.56 -8.54
CA THR A 125 5.45 23.36 -9.39
C THR A 125 5.37 24.34 -10.57
N HIS A 126 6.31 24.21 -11.52
CA HIS A 126 6.31 25.00 -12.75
C HIS A 126 6.39 26.50 -12.49
N LEU A 127 7.35 26.89 -11.65
CA LEU A 127 7.59 28.32 -11.41
C LEU A 127 8.37 28.98 -12.55
N ASP A 128 9.26 28.23 -13.20
CA ASP A 128 10.10 28.79 -14.25
C ASP A 128 9.32 29.25 -15.47
N VAL A 129 8.11 28.75 -15.69
CA VAL A 129 7.39 29.03 -16.92
C VAL A 129 6.31 30.08 -16.73
N GLU A 132 6.08 34.28 -13.16
CA GLU A 132 4.71 33.78 -13.24
C GLU A 132 3.81 34.56 -12.28
N ALA A 133 3.55 35.82 -12.62
CA ALA A 133 2.71 36.66 -11.77
C ALA A 133 1.34 36.02 -11.55
N GLN A 134 0.82 35.30 -12.55
CA GLN A 134 -0.46 34.62 -12.40
C GLN A 134 -0.41 33.64 -11.24
N ARG A 135 0.74 32.99 -11.05
CA ARG A 135 0.90 32.08 -9.92
C ARG A 135 0.54 32.75 -8.60
N ALA A 136 0.88 34.04 -8.46
CA ALA A 136 0.58 34.74 -7.22
C ALA A 136 -0.90 34.68 -6.89
N ALA A 137 -1.76 34.71 -7.92
CA ALA A 137 -3.20 34.63 -7.71
C ALA A 137 -3.58 33.36 -6.97
N ALA A 138 -2.84 32.26 -7.21
CA ALA A 138 -3.09 31.02 -6.48
C ALA A 138 -3.11 31.27 -4.98
N MET A 139 -2.15 32.06 -4.49
CA MET A 139 -2.09 32.34 -3.05
C MET A 139 -3.43 32.87 -2.56
N SER A 140 -4.05 33.77 -3.34
CA SER A 140 -5.33 34.32 -2.96
C SER A 140 -6.34 33.21 -2.64
N LYS A 141 -6.47 32.23 -3.55
CA LYS A 141 -7.43 31.16 -3.29
C LYS A 141 -7.02 30.33 -2.08
N ILE A 142 -5.70 30.13 -1.89
CA ILE A 142 -5.26 29.37 -0.72
C ILE A 142 -5.77 30.03 0.55
N THR A 143 -5.48 31.32 0.71
CA THR A 143 -6.00 32.09 1.84
C THR A 143 -7.42 32.57 1.53
N LEU A 146 -9.49 28.39 1.07
CA LEU A 146 -8.88 27.08 1.27
C LEU A 146 -7.76 27.15 2.31
N LEU A 147 -8.11 27.55 3.52
CA LEU A 147 -7.12 27.75 4.58
C LEU A 147 -7.80 28.23 5.87
N PRO A 153 -8.61 19.99 5.21
CA PRO A 153 -7.60 19.42 6.11
C PRO A 153 -6.67 20.48 6.69
N ALA A 154 -5.82 20.11 7.64
CA ALA A 154 -4.88 21.05 8.25
C ALA A 154 -3.82 21.40 7.22
N ILE A 155 -3.92 22.59 6.64
CA ILE A 155 -3.00 23.06 5.60
C ILE A 155 -1.84 23.71 6.35
N ARG A 156 -0.74 22.97 6.47
CA ARG A 156 0.36 23.41 7.33
C ARG A 156 1.39 24.29 6.63
N ASP A 157 1.42 24.31 5.30
CA ASP A 157 2.39 25.15 4.60
C ASP A 157 2.02 25.21 3.13
N TYR A 158 2.58 26.20 2.44
CA TYR A 158 2.29 26.45 1.03
C TYR A 158 3.57 26.90 0.34
N HIS A 159 3.89 26.27 -0.78
CA HIS A 159 5.16 26.52 -1.46
C HIS A 159 4.97 26.65 -2.96
N PHE A 160 5.97 27.27 -3.59
CA PHE A 160 6.03 27.42 -5.04
C PHE A 160 7.47 27.15 -5.47
N VAL A 161 7.68 26.13 -6.29
CA VAL A 161 9.03 25.64 -6.59
C VAL A 161 9.13 25.26 -8.06
N ASN A 162 10.37 25.05 -8.50
CA ASN A 162 10.69 24.42 -9.77
C ASN A 162 11.29 23.05 -9.45
N ALA A 163 10.55 21.98 -9.74
CA ALA A 163 10.91 20.64 -9.32
C ALA A 163 12.01 20.01 -10.16
N THR A 164 12.55 20.72 -11.14
CA THR A 164 13.49 20.13 -12.08
C THR A 164 14.94 20.31 -11.68
N GLU A 165 15.23 21.18 -10.71
CA GLU A 165 16.59 21.48 -10.31
C GLU A 165 16.63 21.81 -8.84
N GLU A 166 17.84 21.76 -8.27
CA GLU A 166 18.02 22.18 -6.89
C GLU A 166 17.89 23.69 -6.78
N SER A 167 17.35 24.13 -5.64
CA SER A 167 17.12 25.55 -5.41
C SER A 167 16.81 25.76 -3.93
N ASP A 168 16.80 27.03 -3.52
CA ASP A 168 16.57 27.34 -2.13
C ASP A 168 15.14 27.04 -1.70
N ALA A 169 14.17 27.32 -2.57
CA ALA A 169 12.79 26.96 -2.26
C ALA A 169 12.64 25.46 -2.07
N LEU A 170 13.41 24.68 -2.83
CA LEU A 170 13.32 23.23 -2.73
C LEU A 170 13.85 22.74 -1.39
N ALA A 171 15.02 23.22 -0.98
CA ALA A 171 15.56 22.85 0.32
C ALA A 171 14.65 23.34 1.44
N LYS A 172 14.04 24.50 1.26
CA LYS A 172 13.08 24.99 2.25
C LYS A 172 11.90 24.04 2.36
N LEU A 173 11.38 23.56 1.24
CA LEU A 173 10.32 22.56 1.28
C LEU A 173 10.79 21.29 1.97
N ARG A 174 12.03 20.88 1.71
CA ARG A 174 12.61 19.73 2.41
C ARG A 174 12.53 19.92 3.92
N LYS A 175 12.93 21.10 4.40
CA LYS A 175 12.91 21.37 5.83
C LYS A 175 11.47 21.42 6.35
N THR A 176 10.57 22.01 5.57
CA THR A 176 9.16 22.03 5.96
C THR A 176 8.64 20.61 6.14
N ILE A 177 9.03 19.71 5.23
CA ILE A 177 8.59 18.32 5.32
C ILE A 177 9.12 17.69 6.60
N ILE A 178 10.40 17.88 6.90
CA ILE A 178 10.96 17.34 8.16
C ILE A 178 10.16 17.86 9.34
N ASN A 179 9.99 19.18 9.42
CA ASN A 179 9.35 19.78 10.60
C ASN A 179 7.92 19.31 10.75
N GLU A 180 7.14 19.27 9.66
CA GLU A 180 5.76 18.82 9.78
C GLU A 180 5.66 17.33 10.08
N SER A 181 6.56 16.51 9.53
CA SER A 181 6.55 15.10 9.87
C SER A 181 6.72 14.92 11.38
N LEU A 182 7.67 15.64 11.96
CA LEU A 182 7.90 15.51 13.39
C LEU A 182 6.77 16.11 14.22
N ASN A 183 6.26 17.27 13.82
CA ASN A 183 5.10 17.84 14.51
C ASN A 183 3.94 16.87 14.54
N PHE A 184 3.71 16.16 13.43
CA PHE A 184 2.60 15.21 13.38
C PHE A 184 2.87 13.97 14.22
N LYS A 185 4.08 13.41 14.13
CA LYS A 185 4.38 12.20 14.89
C LYS A 185 4.52 12.47 16.38
N ILE A 186 5.29 13.50 16.73
CA ILE A 186 5.54 13.87 18.12
C ILE A 186 4.39 14.73 18.63
N ARG A 187 3.86 14.36 19.80
CA ARG A 187 2.77 15.11 20.42
C ARG A 187 3.33 16.36 21.09
N ASP A 188 2.89 17.52 20.63
CA ASP A 188 3.34 18.80 21.18
C ASP A 188 4.87 18.86 21.25
N ALA B 2 -18.27 4.15 1.48
CA ALA B 2 -18.62 2.73 1.49
C ALA B 2 -17.99 2.01 0.30
N VAL B 3 -17.45 0.83 0.58
CA VAL B 3 -16.85 0.02 -0.48
C VAL B 3 -17.91 -0.35 -1.51
N PRO B 4 -17.63 -0.29 -2.81
CA PRO B 4 -18.64 -0.74 -3.79
C PRO B 4 -19.03 -2.19 -3.56
N TYR B 5 -20.30 -2.49 -3.81
CA TYR B 5 -20.86 -3.79 -3.47
C TYR B 5 -20.08 -4.95 -4.09
N ASN B 6 -19.46 -4.74 -5.26
CA ASN B 6 -18.81 -5.82 -6.00
C ASN B 6 -17.29 -5.82 -5.84
N ARG B 7 -16.75 -5.01 -4.94
CA ARG B 7 -15.30 -4.88 -4.83
C ARG B 7 -14.83 -5.18 -3.41
N MET B 8 -13.61 -5.67 -3.32
CA MET B 8 -12.89 -5.77 -2.05
C MET B 8 -11.45 -6.15 -2.36
N LYS B 9 -10.62 -6.10 -1.34
CA LYS B 9 -9.18 -6.16 -1.49
C LYS B 9 -8.62 -7.52 -1.15
N LEU B 10 -7.63 -7.96 -1.93
CA LEU B 10 -6.93 -9.22 -1.70
C LEU B 10 -5.46 -8.90 -1.50
N MET B 11 -4.92 -9.24 -0.33
CA MET B 11 -3.52 -8.96 -0.01
C MET B 11 -2.75 -10.27 -0.06
N ILE B 12 -1.76 -10.33 -0.93
CA ILE B 12 -0.92 -11.51 -1.06
C ILE B 12 0.39 -11.20 -0.35
N VAL B 13 0.60 -11.82 0.80
CA VAL B 13 1.78 -11.56 1.61
C VAL B 13 2.53 -12.85 1.89
N GLY B 14 3.79 -12.68 2.27
CA GLY B 14 4.65 -13.80 2.59
C GLY B 14 6.09 -13.51 2.23
N ALA B 15 6.98 -14.37 2.72
CA ALA B 15 8.40 -14.19 2.53
C ALA B 15 8.77 -14.24 1.06
N CYS B 16 9.96 -13.72 0.75
CA CYS B 16 10.50 -13.77 -0.61
C CYS B 16 10.71 -15.22 -1.04
N GLY B 17 10.39 -15.51 -2.29
CA GLY B 17 10.52 -16.87 -2.79
C GLY B 17 9.36 -17.78 -2.42
N SER B 18 8.31 -17.25 -1.78
CA SER B 18 7.18 -18.08 -1.40
C SER B 18 6.30 -18.47 -2.57
N GLY B 19 6.53 -17.86 -3.74
CA GLY B 19 5.68 -18.08 -4.88
C GLY B 19 4.46 -17.19 -4.95
N LYS B 20 4.55 -15.97 -4.41
CA LYS B 20 3.38 -15.11 -4.38
C LYS B 20 3.04 -14.60 -5.77
N THR B 21 4.03 -14.07 -6.48
CA THR B 21 3.80 -13.56 -7.83
C THR B 21 3.43 -14.69 -8.78
N THR B 22 4.07 -15.85 -8.61
CA THR B 22 3.75 -17.00 -9.45
C THR B 22 2.33 -17.48 -9.20
N LEU B 23 1.95 -17.60 -7.92
CA LEU B 23 0.59 -18.01 -7.56
C LEU B 23 -0.43 -17.03 -8.14
N LEU B 24 -0.15 -15.73 -8.05
CA LEU B 24 -1.10 -14.77 -8.57
C LEU B 24 -1.21 -14.87 -10.09
N GLN B 25 -0.09 -15.08 -10.77
CA GLN B 25 -0.14 -15.26 -12.22
C GLN B 25 -1.00 -16.46 -12.58
N GLN B 26 -0.84 -17.57 -11.86
CA GLN B 26 -1.61 -18.77 -12.22
C GLN B 26 -3.07 -18.65 -11.84
N LEU B 27 -3.37 -18.00 -10.71
CA LEU B 27 -4.76 -17.89 -10.27
C LEU B 27 -5.60 -17.06 -11.22
N MET B 28 -5.02 -16.00 -11.78
CA MET B 28 -5.76 -15.07 -12.62
C MET B 28 -5.70 -15.53 -14.07
N LYS B 29 -6.81 -16.01 -14.60
CA LYS B 29 -6.93 -16.28 -16.02
C LYS B 29 -7.60 -15.15 -16.78
N THR B 30 -8.28 -14.25 -16.07
CA THR B 30 -9.06 -13.17 -16.65
C THR B 30 -8.73 -11.89 -15.90
N LYS B 31 -8.45 -10.82 -16.65
CA LYS B 31 -8.08 -9.54 -16.06
C LYS B 31 -9.11 -8.48 -16.39
N LYS B 32 -8.97 -7.34 -15.71
CA LYS B 32 -9.90 -6.22 -15.85
C LYS B 32 -11.27 -6.58 -15.27
N THR B 41 -6.12 2.09 -14.67
CA THR B 41 -4.78 1.60 -14.36
C THR B 41 -4.39 1.99 -12.93
N VAL B 42 -3.51 1.20 -12.31
CA VAL B 42 -3.04 1.48 -10.96
C VAL B 42 -1.52 1.38 -10.93
N GLY B 43 -0.86 2.38 -10.33
CA GLY B 43 0.57 2.28 -10.08
C GLY B 43 0.96 2.83 -8.73
N ILE B 44 1.74 2.11 -7.92
CA ILE B 44 2.20 2.64 -6.63
C ILE B 44 3.70 2.39 -6.49
N ASP B 45 4.49 3.45 -6.39
CA ASP B 45 5.91 3.38 -6.07
C ASP B 45 6.14 3.90 -4.65
N VAL B 46 6.64 3.05 -3.77
CA VAL B 46 6.97 3.44 -2.41
C VAL B 46 8.49 3.49 -2.30
N LYS B 47 9.01 4.59 -1.78
CA LYS B 47 10.45 4.79 -1.73
C LYS B 47 10.89 5.13 -0.30
N ASP B 48 12.07 4.63 0.06
CA ASP B 48 12.68 4.92 1.35
C ASP B 48 13.49 6.20 1.20
N TRP B 49 13.18 7.21 2.03
CA TRP B 49 13.81 8.51 1.97
C TRP B 49 14.44 8.86 3.31
N PRO B 50 15.75 8.68 3.48
CA PRO B 50 16.42 9.12 4.73
C PRO B 50 16.61 10.64 4.78
N ILE B 51 15.52 11.35 5.08
CA ILE B 51 15.51 12.80 4.92
C ILE B 51 16.31 13.53 6.01
N GLN B 52 16.59 12.87 7.13
CA GLN B 52 17.44 13.48 8.17
C GLN B 52 18.30 12.38 8.77
N ILE B 53 19.61 12.42 8.50
CA ILE B 53 20.56 11.42 8.96
C ILE B 53 21.85 12.13 9.35
N ARG B 54 22.61 11.48 10.24
CA ARG B 54 23.97 11.91 10.57
C ARG B 54 24.00 13.28 11.22
N ASP B 55 22.90 13.68 11.84
CA ASP B 55 22.83 14.92 12.59
C ASP B 55 23.23 14.65 14.04
N LYS B 56 24.20 15.42 14.51
CA LYS B 56 24.86 15.11 15.78
C LYS B 56 23.89 15.17 16.96
N ARG B 57 22.96 16.11 16.95
CA ARG B 57 22.03 16.26 18.06
C ARG B 57 20.72 15.53 17.86
N LYS B 58 20.26 15.41 16.62
CA LYS B 58 18.89 15.01 16.34
C LYS B 58 18.84 13.56 15.89
N ARG B 59 17.82 12.84 16.34
CA ARG B 59 17.57 11.49 15.87
C ARG B 59 17.30 11.51 14.37
N ASP B 60 17.60 10.39 13.74
CA ASP B 60 17.32 10.24 12.31
C ASP B 60 15.81 10.28 12.04
N LEU B 61 15.46 10.64 10.81
CA LEU B 61 14.09 10.62 10.32
C LEU B 61 14.11 9.96 8.94
N VAL B 62 13.29 8.93 8.77
CA VAL B 62 13.20 8.18 7.52
C VAL B 62 11.75 8.10 7.10
N LEU B 63 11.45 8.63 5.92
CA LEU B 63 10.09 8.66 5.39
C LEU B 63 9.90 7.54 4.37
N ASN B 64 8.74 6.89 4.42
CA ASN B 64 8.30 6.02 3.31
C ASN B 64 7.34 6.85 2.48
N VAL B 65 7.70 7.10 1.22
CA VAL B 65 6.99 8.04 0.34
C VAL B 65 6.23 7.27 -0.72
N TRP B 66 4.95 7.60 -0.88
CA TRP B 66 4.07 6.92 -1.84
C TRP B 66 3.80 7.84 -3.03
N ASP B 67 4.14 7.37 -4.22
CA ASP B 67 3.91 8.08 -5.47
C ASP B 67 2.99 7.23 -6.35
N PHE B 68 1.92 7.86 -6.83
CA PHE B 68 0.84 7.14 -7.50
C PHE B 68 0.83 7.43 -8.99
N ALA B 69 0.55 6.40 -9.78
CA ALA B 69 0.42 6.47 -11.23
C ALA B 69 -0.89 5.79 -11.63
N GLY B 70 -1.17 5.79 -12.93
CA GLY B 70 -2.36 5.13 -13.46
C GLY B 70 -3.41 6.14 -13.91
N ARG B 71 -4.54 5.60 -14.33
CA ARG B 71 -5.64 6.40 -14.85
C ARG B 71 -6.56 6.86 -13.72
N GLU B 72 -7.09 8.07 -13.89
CA GLU B 72 -7.96 8.67 -12.87
C GLU B 72 -9.23 7.84 -12.67
N GLU B 73 -9.68 7.15 -13.71
CA GLU B 73 -10.89 6.34 -13.62
C GLU B 73 -10.76 5.31 -12.51
N PHE B 74 -9.62 4.63 -12.42
CA PHE B 74 -9.44 3.63 -11.37
C PHE B 74 -9.72 4.24 -10.00
N TYR B 75 -9.10 5.38 -9.71
CA TYR B 75 -9.21 5.96 -8.39
C TYR B 75 -10.63 6.44 -8.13
N SER B 76 -11.36 6.81 -9.17
CA SER B 76 -12.78 7.14 -8.95
C SER B 76 -13.60 5.88 -8.68
N THR B 77 -13.26 4.77 -9.31
CA THR B 77 -14.00 3.52 -9.16
C THR B 77 -13.59 2.71 -7.93
N HIS B 78 -12.47 3.05 -7.29
CA HIS B 78 -11.97 2.32 -6.13
C HIS B 78 -11.74 3.29 -4.99
N PRO B 79 -12.81 3.77 -4.36
CA PRO B 79 -12.65 4.81 -3.33
C PRO B 79 -11.87 4.37 -2.10
N HIS B 80 -11.92 3.09 -1.73
CA HIS B 80 -11.26 2.61 -0.51
C HIS B 80 -10.17 1.60 -0.84
N PHE B 81 -9.49 1.74 -1.99
CA PHE B 81 -8.60 0.68 -2.43
C PHE B 81 -7.35 0.55 -1.57
N MET B 82 -7.06 1.51 -0.68
CA MET B 82 -5.90 1.43 0.21
C MET B 82 -6.25 0.98 1.62
N THR B 83 -7.50 0.60 1.89
CA THR B 83 -7.85 0.13 3.22
C THR B 83 -7.00 -1.09 3.59
N GLN B 84 -6.84 -1.30 4.89
CA GLN B 84 -6.16 -2.48 5.38
C GLN B 84 -7.10 -3.68 5.52
N ARG B 85 -8.40 -3.43 5.49
CA ARG B 85 -9.42 -4.47 5.62
C ARG B 85 -9.53 -5.21 4.30
N ALA B 86 -9.01 -6.44 4.27
CA ALA B 86 -8.90 -7.18 3.03
C ALA B 86 -8.92 -8.68 3.33
N LEU B 87 -9.03 -9.48 2.28
CA LEU B 87 -8.75 -10.90 2.38
C LEU B 87 -7.24 -11.09 2.16
N TYR B 88 -6.61 -11.88 3.03
CA TYR B 88 -5.17 -12.08 2.99
C TYR B 88 -4.86 -13.51 2.56
N LEU B 89 -3.94 -13.65 1.61
CA LEU B 89 -3.33 -14.93 1.27
C LEU B 89 -1.93 -14.94 1.88
N ALA B 90 -1.75 -15.73 2.93
CA ALA B 90 -0.44 -15.89 3.58
C ALA B 90 0.26 -17.05 2.90
N VAL B 91 1.28 -16.75 2.10
CA VAL B 91 1.91 -17.74 1.23
C VAL B 91 3.27 -18.12 1.78
N TYR B 92 3.57 -19.42 1.73
CA TYR B 92 4.86 -19.93 2.17
C TYR B 92 5.29 -21.10 1.29
N ASP B 93 6.60 -21.34 1.26
CA ASP B 93 7.19 -22.43 0.50
C ASP B 93 7.18 -23.70 1.35
N LEU B 94 6.38 -24.68 0.94
CA LEU B 94 6.32 -25.95 1.67
C LEU B 94 7.65 -26.69 1.63
N SER B 95 8.39 -26.56 0.53
CA SER B 95 9.64 -27.29 0.36
C SER B 95 10.74 -26.80 1.30
N LYS B 96 10.54 -25.68 1.99
CA LYS B 96 11.52 -25.15 2.93
C LYS B 96 11.31 -25.67 4.36
N GLY B 97 10.28 -26.48 4.59
CA GLY B 97 10.09 -27.13 5.88
C GLY B 97 9.40 -26.28 6.93
N GLN B 98 9.26 -26.89 8.12
CA GLN B 98 8.49 -26.29 9.20
C GLN B 98 8.99 -24.90 9.56
N ALA B 99 10.28 -24.63 9.34
CA ALA B 99 10.80 -23.31 9.65
C ALA B 99 10.07 -22.22 8.85
N GLU B 100 9.64 -22.53 7.62
CA GLU B 100 8.95 -21.53 6.83
C GLU B 100 7.56 -21.25 7.39
N VAL B 101 6.89 -22.30 7.90
CA VAL B 101 5.59 -22.10 8.54
C VAL B 101 5.77 -21.25 9.79
N ASP B 102 6.87 -21.47 10.51
CA ASP B 102 7.13 -20.67 11.70
C ASP B 102 7.44 -19.22 11.32
N ALA B 103 8.12 -19.03 10.19
CA ALA B 103 8.39 -17.68 9.71
C ALA B 103 7.09 -16.94 9.38
N MET B 104 6.13 -17.68 8.82
CA MET B 104 4.84 -17.07 8.47
C MET B 104 4.19 -16.37 9.65
N LYS B 105 4.51 -16.78 10.87
CA LYS B 105 3.88 -16.18 12.04
C LYS B 105 4.08 -14.68 12.09
N HIS B 106 5.23 -14.17 11.63
CA HIS B 106 5.42 -12.72 11.60
C HIS B 106 4.33 -12.05 10.77
N TYR B 107 4.10 -12.55 9.56
CA TYR B 107 3.06 -12.00 8.71
C TYR B 107 1.70 -12.10 9.39
N LEU B 108 1.41 -13.25 10.01
CA LEU B 108 0.14 -13.43 10.69
C LEU B 108 -0.02 -12.44 11.83
N PHE B 109 1.04 -12.23 12.63
CA PHE B 109 0.96 -11.25 13.70
C PHE B 109 0.69 -9.85 13.14
N GLN B 110 1.41 -9.49 12.07
CA GLN B 110 1.18 -8.20 11.44
C GLN B 110 -0.29 -8.04 11.06
N ILE B 111 -0.88 -9.09 10.45
CA ILE B 111 -2.28 -8.99 10.04
C ILE B 111 -3.19 -8.87 11.26
N LYS B 112 -2.89 -9.61 12.33
CA LYS B 112 -3.74 -9.54 13.52
C LYS B 112 -3.66 -8.17 14.18
N ALA B 113 -2.49 -7.52 14.09
CA ALA B 113 -2.34 -6.24 14.78
C ALA B 113 -2.86 -5.07 13.94
N ARG B 114 -2.52 -5.04 12.65
CA ARG B 114 -2.88 -3.92 11.79
C ARG B 114 -4.23 -4.09 11.11
N ALA B 115 -4.79 -5.31 11.11
CA ALA B 115 -6.12 -5.58 10.52
C ALA B 115 -6.71 -6.77 11.29
N SER B 116 -7.17 -6.48 12.51
CA SER B 116 -7.62 -7.53 13.42
C SER B 116 -8.87 -8.26 12.94
N SER B 117 -9.62 -7.69 12.00
CA SER B 117 -10.85 -8.30 11.54
C SER B 117 -10.68 -9.07 10.24
N SER B 118 -9.53 -9.01 9.60
CA SER B 118 -9.39 -9.57 8.27
C SER B 118 -9.17 -11.08 8.31
N PRO B 119 -9.76 -11.82 7.38
CA PRO B 119 -9.54 -13.27 7.31
C PRO B 119 -8.31 -13.63 6.50
N VAL B 120 -7.82 -14.84 6.73
CA VAL B 120 -6.58 -15.31 6.12
C VAL B 120 -6.77 -16.71 5.53
N ILE B 121 -6.18 -16.94 4.36
CA ILE B 121 -6.08 -18.25 3.75
C ILE B 121 -4.60 -18.56 3.62
N LEU B 122 -4.15 -19.64 4.25
CA LEU B 122 -2.76 -20.06 4.13
C LEU B 122 -2.58 -20.87 2.85
N VAL B 123 -1.51 -20.58 2.12
CA VAL B 123 -1.23 -21.25 0.87
C VAL B 123 0.23 -21.71 0.89
N GLY B 124 0.43 -23.02 0.93
CA GLY B 124 1.74 -23.61 0.75
C GLY B 124 2.01 -23.93 -0.70
N THR B 125 2.98 -23.22 -1.30
CA THR B 125 3.36 -23.49 -2.67
C THR B 125 4.43 -24.57 -2.69
N HIS B 126 4.93 -24.87 -3.89
CA HIS B 126 6.02 -25.84 -4.05
C HIS B 126 5.61 -27.21 -3.53
N LEU B 127 4.39 -27.62 -3.86
CA LEU B 127 3.91 -28.94 -3.45
C LEU B 127 4.53 -30.03 -4.32
N ASP B 128 4.76 -29.73 -5.60
CA ASP B 128 5.36 -30.71 -6.51
C ASP B 128 6.79 -31.04 -6.13
N VAL B 129 7.50 -30.12 -5.45
CA VAL B 129 8.88 -30.36 -5.06
C VAL B 129 9.01 -30.51 -3.55
N SER B 130 7.95 -31.00 -2.91
CA SER B 130 7.98 -31.30 -1.49
C SER B 130 7.70 -32.79 -1.28
N ASP B 131 8.16 -33.32 -0.16
CA ASP B 131 7.90 -34.71 0.20
C ASP B 131 6.78 -34.77 1.22
N GLU B 132 6.12 -35.93 1.30
CA GLU B 132 4.97 -36.04 2.18
C GLU B 132 5.31 -35.72 3.62
N ALA B 133 6.53 -36.04 4.08
CA ALA B 133 6.87 -35.71 5.46
C ALA B 133 6.74 -34.21 5.71
N GLN B 134 7.17 -33.40 4.75
CA GLN B 134 7.01 -31.96 4.86
C GLN B 134 5.55 -31.55 4.85
N ARG B 135 4.74 -32.16 3.98
CA ARG B 135 3.32 -31.84 3.96
C ARG B 135 2.68 -32.12 5.32
N ALA B 136 2.95 -33.30 5.87
CA ALA B 136 2.33 -33.69 7.14
C ALA B 136 2.80 -32.79 8.26
N ALA B 137 4.10 -32.46 8.30
CA ALA B 137 4.58 -31.57 9.35
C ALA B 137 3.97 -30.18 9.23
N ALA B 138 3.87 -29.65 8.01
CA ALA B 138 3.24 -28.36 7.83
C ALA B 138 1.80 -28.37 8.32
N MET B 139 1.01 -29.36 7.89
CA MET B 139 -0.38 -29.43 8.31
C MET B 139 -0.50 -29.55 9.82
N SER B 140 0.33 -30.42 10.42
CA SER B 140 0.34 -30.57 11.87
C SER B 140 0.58 -29.24 12.56
N LYS B 141 1.61 -28.50 12.13
CA LYS B 141 1.92 -27.23 12.76
C LYS B 141 0.79 -26.23 12.55
N ILE B 142 0.20 -26.23 11.36
CA ILE B 142 -0.90 -25.32 11.08
C ILE B 142 -2.06 -25.56 12.05
N THR B 143 -2.45 -26.83 12.20
CA THR B 143 -3.61 -27.13 13.02
C THR B 143 -3.32 -27.02 14.51
N LYS B 144 -2.10 -27.29 14.94
CA LYS B 144 -1.82 -27.26 16.36
C LYS B 144 -1.38 -25.91 16.89
N GLU B 145 -0.78 -25.06 16.04
CA GLU B 145 -0.24 -23.79 16.50
C GLU B 145 -0.90 -22.55 15.91
N LEU B 146 -1.57 -22.65 14.76
CA LEU B 146 -2.11 -21.49 14.07
C LEU B 146 -3.63 -21.38 14.15
N LEU B 147 -4.35 -22.45 13.84
CA LEU B 147 -5.80 -22.39 13.79
C LEU B 147 -6.39 -22.00 15.14
N ASN B 148 -7.15 -20.91 15.16
CA ASN B 148 -7.98 -20.53 16.31
C ASN B 148 -7.14 -20.33 17.57
N LYS B 149 -5.94 -19.80 17.43
CA LYS B 149 -5.06 -19.53 18.55
C LYS B 149 -5.00 -18.03 18.82
N ARG B 150 -4.97 -17.65 20.09
CA ARG B 150 -4.99 -16.23 20.44
C ARG B 150 -3.76 -15.53 19.90
N GLY B 151 -3.95 -14.28 19.47
CA GLY B 151 -2.88 -13.51 18.87
C GLY B 151 -2.70 -13.73 17.38
N PHE B 152 -3.51 -14.59 16.77
CA PHE B 152 -3.48 -14.84 15.35
C PHE B 152 -4.81 -14.45 14.73
N PRO B 153 -4.82 -14.00 13.48
CA PRO B 153 -6.08 -13.68 12.82
C PRO B 153 -6.86 -14.96 12.53
N ALA B 154 -8.11 -14.78 12.14
CA ALA B 154 -9.00 -15.91 11.83
C ALA B 154 -8.54 -16.55 10.53
N ILE B 155 -7.90 -17.71 10.64
CA ILE B 155 -7.45 -18.46 9.48
C ILE B 155 -8.61 -19.35 9.02
N ARG B 156 -9.23 -18.95 7.92
CA ARG B 156 -10.45 -19.62 7.46
C ARG B 156 -10.17 -20.85 6.62
N ASP B 157 -8.96 -20.99 6.07
CA ASP B 157 -8.64 -22.16 5.28
C ASP B 157 -7.14 -22.18 5.02
N TYR B 158 -6.65 -23.35 4.61
CA TYR B 158 -5.24 -23.57 4.32
C TYR B 158 -5.15 -24.57 3.18
N HIS B 159 -4.29 -24.28 2.20
CA HIS B 159 -4.19 -25.06 0.99
C HIS B 159 -2.74 -25.42 0.71
N PHE B 160 -2.57 -26.43 -0.14
CA PHE B 160 -1.26 -26.89 -0.59
C PHE B 160 -1.35 -27.08 -2.10
N VAL B 161 -0.54 -26.30 -2.84
CA VAL B 161 -0.71 -26.20 -4.28
C VAL B 161 0.64 -26.17 -4.99
N ASN B 162 0.56 -26.34 -6.30
CA ASN B 162 1.65 -26.10 -7.25
C ASN B 162 1.29 -24.82 -7.99
N ALA B 163 2.01 -23.74 -7.70
CA ALA B 163 1.62 -22.45 -8.25
C ALA B 163 2.04 -22.25 -9.69
N THR B 164 2.72 -23.23 -10.29
CA THR B 164 3.28 -23.07 -11.62
C THR B 164 2.37 -23.59 -12.73
N GLU B 165 1.34 -24.37 -12.42
CA GLU B 165 0.50 -24.95 -13.45
C GLU B 165 -0.94 -25.00 -12.95
N GLU B 166 -1.86 -25.17 -13.89
CA GLU B 166 -3.27 -25.32 -13.56
C GLU B 166 -3.52 -26.72 -13.01
N SER B 167 -4.47 -26.82 -12.08
CA SER B 167 -4.79 -28.10 -11.45
C SER B 167 -6.07 -27.92 -10.66
N ASP B 168 -6.59 -29.04 -10.16
CA ASP B 168 -7.83 -29.00 -9.38
C ASP B 168 -7.62 -28.31 -8.05
N ALA B 169 -6.46 -28.48 -7.42
CA ALA B 169 -6.18 -27.77 -6.18
C ALA B 169 -6.25 -26.26 -6.39
N LEU B 170 -5.78 -25.79 -7.54
CA LEU B 170 -5.80 -24.36 -7.82
C LEU B 170 -7.22 -23.85 -8.02
N ALA B 171 -8.03 -24.58 -8.78
CA ALA B 171 -9.43 -24.19 -8.95
C ALA B 171 -10.15 -24.20 -7.62
N LYS B 172 -9.82 -25.16 -6.76
CA LYS B 172 -10.35 -25.18 -5.41
C LYS B 172 -9.96 -23.93 -4.64
N LEU B 173 -8.71 -23.50 -4.77
CA LEU B 173 -8.28 -22.27 -4.09
C LEU B 173 -9.05 -21.07 -4.62
N ARG B 174 -9.27 -21.01 -5.94
CA ARG B 174 -10.07 -19.94 -6.53
C ARG B 174 -11.45 -19.89 -5.89
N LYS B 175 -12.09 -21.05 -5.77
CA LYS B 175 -13.44 -21.09 -5.20
C LYS B 175 -13.41 -20.71 -3.72
N THR B 176 -12.40 -21.17 -2.99
CA THR B 176 -12.25 -20.75 -1.60
C THR B 176 -12.12 -19.24 -1.51
N ILE B 177 -11.38 -18.64 -2.43
CA ILE B 177 -11.17 -17.19 -2.42
C ILE B 177 -12.49 -16.47 -2.66
N ILE B 178 -13.25 -16.90 -3.67
CA ILE B 178 -14.58 -16.31 -3.91
C ILE B 178 -15.42 -16.43 -2.64
N ASN B 179 -15.52 -17.65 -2.11
CA ASN B 179 -16.39 -17.90 -0.96
C ASN B 179 -15.98 -17.08 0.26
N GLU B 180 -14.68 -17.00 0.54
CA GLU B 180 -14.24 -16.28 1.73
C GLU B 180 -14.42 -14.78 1.52
N SER B 181 -14.20 -14.29 0.29
CA SER B 181 -14.47 -12.88 0.01
C SER B 181 -15.92 -12.53 0.29
N LEU B 182 -16.85 -13.40 -0.13
CA LEU B 182 -18.26 -13.13 0.11
C LEU B 182 -18.57 -13.22 1.61
N ASN B 183 -17.97 -14.20 2.30
CA ASN B 183 -18.14 -14.26 3.76
C ASN B 183 -17.70 -12.95 4.39
N PHE B 184 -16.59 -12.37 3.90
CA PHE B 184 -16.07 -11.13 4.46
C PHE B 184 -16.99 -9.97 4.13
N LYS B 185 -17.57 -9.96 2.92
CA LYS B 185 -18.50 -8.89 2.55
C LYS B 185 -19.70 -8.91 3.48
N ILE B 186 -20.13 -10.10 3.93
CA ILE B 186 -21.23 -10.11 4.88
C ILE B 186 -20.79 -9.48 6.20
N ARG B 187 -19.50 -9.55 6.50
CA ARG B 187 -18.95 -8.95 7.72
C ARG B 187 -19.26 -9.84 8.92
#